data_3VPT
#
_entry.id   3VPT
#
_cell.length_a   56.128
_cell.length_b   56.128
_cell.length_c   209.893
_cell.angle_alpha   90.00
_cell.angle_beta   90.00
_cell.angle_gamma   120.00
#
_symmetry.space_group_name_H-M   'P 65 2 2'
#
loop_
_entity.id
_entity.type
_entity.pdbx_description
1 polymer 'Glutathione S-transferase sigma'
2 non-polymer S-1,2-PROPANEDIOL
3 non-polymer DI(HYDROXYETHYL)ETHER
4 non-polymer 'TETRAETHYLENE GLYCOL'
5 water water
#
_entity_poly.entity_id   1
_entity_poly.type   'polypeptide(L)'
_entity_poly.pdbx_seq_one_letter_code
;MPNVKFYYFPVKALGESQRLLLAYGGQEFEDNRISSENWPEFKPKTPFGQMPVLEIDGKQYAQSTAICRYLGRKYGLAGA
NDEEAFEIDQNVEFLNDIRASAASVHYEKDEAVKAKKKAELEETKYPFFFEKLNEILTKNNGHIALGKLTWGDFVYAGMY
DYLKAMLQKPDLEQKYPAFRKPIEAVLAIPKVKAYVDAAPRTEL
;
_entity_poly.pdbx_strand_id   A
#
# COMPACT_ATOMS: atom_id res chain seq x y z
N PRO A 2 -16.50 11.87 12.52
CA PRO A 2 -17.48 10.82 12.15
C PRO A 2 -17.14 9.51 12.82
N ASN A 3 -18.08 8.59 12.97
CA ASN A 3 -17.69 7.28 13.44
C ASN A 3 -17.10 6.50 12.27
N VAL A 4 -15.84 6.19 12.44
CA VAL A 4 -15.07 5.52 11.39
C VAL A 4 -14.59 4.19 11.93
N LYS A 5 -14.77 3.14 11.14
CA LYS A 5 -14.36 1.84 11.54
C LYS A 5 -13.64 1.33 10.30
N PHE A 6 -12.49 0.72 10.49
CA PHE A 6 -11.72 0.18 9.33
C PHE A 6 -11.49 -1.26 9.67
N TYR A 7 -11.76 -2.18 8.75
CA TYR A 7 -11.57 -3.58 9.07
C TYR A 7 -10.52 -4.12 8.14
N TYR A 8 -9.49 -4.77 8.67
CA TYR A 8 -8.53 -5.48 7.84
C TYR A 8 -7.87 -6.58 8.66
N PHE A 9 -7.02 -7.37 8.03
CA PHE A 9 -6.22 -8.34 8.76
C PHE A 9 -5.20 -7.62 9.66
N PRO A 10 -4.60 -8.36 10.63
CA PRO A 10 -3.63 -7.75 11.56
C PRO A 10 -2.24 -7.66 10.91
N VAL A 11 -2.19 -7.20 9.67
CA VAL A 11 -0.93 -6.99 9.00
C VAL A 11 -1.01 -5.67 8.29
N LYS A 12 0.07 -5.23 7.64
CA LYS A 12 0.02 -3.98 6.89
C LYS A 12 -0.50 -4.26 5.45
N ALA A 13 0.26 -5.10 4.76
CA ALA A 13 -0.06 -5.57 3.41
C ALA A 13 -0.81 -4.49 2.65
N LEU A 14 -2.08 -4.72 2.29
CA LEU A 14 -2.76 -3.77 1.41
C LEU A 14 -3.73 -2.83 2.15
N GLY A 15 -3.78 -2.94 3.48
CA GLY A 15 -4.72 -2.12 4.28
C GLY A 15 -4.01 -0.98 5.06
N GLU A 16 -2.73 -1.12 5.33
CA GLU A 16 -2.00 -0.12 6.10
C GLU A 16 -2.01 1.29 5.45
N SER A 17 -2.03 1.35 4.13
CA SER A 17 -2.11 2.66 3.46
C SER A 17 -3.38 3.40 3.94
N GLN A 18 -4.48 2.67 4.13
CA GLN A 18 -5.70 3.35 4.60
C GLN A 18 -5.53 3.85 6.03
N ARG A 19 -4.90 3.04 6.87
CA ARG A 19 -4.70 3.49 8.26
C ARG A 19 -3.88 4.75 8.23
N LEU A 20 -2.83 4.75 7.39
CA LEU A 20 -1.90 5.88 7.31
C LEU A 20 -2.59 7.13 6.84
N LEU A 21 -3.42 6.98 5.83
CA LEU A 21 -4.21 8.07 5.32
C LEU A 21 -5.19 8.57 6.41
N LEU A 22 -5.85 7.66 7.14
CA LEU A 22 -6.72 8.11 8.29
C LEU A 22 -5.98 8.90 9.36
N ALA A 23 -4.78 8.42 9.72
CA ALA A 23 -3.92 9.13 10.68
C ALA A 23 -3.54 10.49 10.12
N TYR A 24 -3.24 10.52 8.82
CA TYR A 24 -2.90 11.78 8.16
C TYR A 24 -4.03 12.79 8.30
N GLY A 25 -5.24 12.38 7.95
CA GLY A 25 -6.38 13.28 7.94
C GLY A 25 -6.87 13.73 9.31
N GLY A 26 -6.22 13.29 10.37
CA GLY A 26 -6.71 13.55 11.71
C GLY A 26 -8.00 12.80 12.05
N GLN A 27 -8.24 11.68 11.37
CA GLN A 27 -9.42 10.85 11.64
C GLN A 27 -9.14 9.80 12.71
N GLU A 28 -9.81 9.92 13.84
CA GLU A 28 -9.84 8.81 14.78
C GLU A 28 -10.71 7.71 14.17
N PHE A 29 -10.33 6.47 14.43
CA PHE A 29 -11.07 5.34 13.92
C PHE A 29 -10.83 4.09 14.76
N GLU A 30 -11.79 3.16 14.76
CA GLU A 30 -11.56 1.83 15.33
C GLU A 30 -10.78 1.00 14.35
N ASP A 31 -9.56 0.66 14.73
CA ASP A 31 -8.67 -0.17 13.92
C ASP A 31 -9.05 -1.60 14.24
N ASN A 32 -10.04 -2.12 13.51
CA ASN A 32 -10.49 -3.47 13.75
C ASN A 32 -9.60 -4.44 12.96
N ARG A 33 -8.66 -5.06 13.67
CA ARG A 33 -7.76 -6.07 13.09
C ARG A 33 -8.36 -7.43 13.28
N ILE A 34 -8.84 -7.98 12.18
CA ILE A 34 -9.55 -9.23 12.21
C ILE A 34 -8.59 -10.33 11.87
N SER A 35 -8.41 -11.26 12.78
CA SER A 35 -7.52 -12.37 12.51
C SER A 35 -8.13 -13.33 11.51
N SER A 36 -7.26 -14.10 10.90
CA SER A 36 -7.67 -15.16 10.02
C SER A 36 -8.73 -16.08 10.67
N GLU A 37 -8.59 -16.36 11.96
CA GLU A 37 -9.53 -17.25 12.67
C GLU A 37 -10.95 -16.66 12.83
N ASN A 38 -11.03 -15.34 12.98
CA ASN A 38 -12.31 -14.71 13.16
C ASN A 38 -12.88 -14.21 11.83
N TRP A 39 -12.03 -14.04 10.83
CA TRP A 39 -12.49 -13.50 9.55
C TRP A 39 -13.80 -14.12 9.00
N PRO A 40 -13.97 -15.47 9.12
CA PRO A 40 -15.20 -16.04 8.54
C PRO A 40 -16.51 -15.44 9.08
N GLU A 41 -16.53 -14.90 10.30
CA GLU A 41 -17.76 -14.29 10.77
C GLU A 41 -18.02 -12.88 10.20
N PHE A 42 -16.96 -12.22 9.74
CA PHE A 42 -17.04 -10.88 9.16
C PHE A 42 -17.25 -10.91 7.63
N LYS A 43 -16.69 -11.93 7.02
CA LYS A 43 -16.70 -12.03 5.59
C LYS A 43 -18.07 -11.74 4.97
N PRO A 44 -19.14 -12.39 5.44
CA PRO A 44 -20.42 -12.16 4.74
C PRO A 44 -21.00 -10.76 4.96
N LYS A 45 -20.46 -10.01 5.93
CA LYS A 45 -20.91 -8.66 6.23
C LYS A 45 -20.12 -7.57 5.47
N THR A 46 -19.26 -7.99 4.53
CA THR A 46 -18.47 -7.06 3.71
C THR A 46 -19.07 -7.04 2.30
N PRO A 47 -18.82 -5.97 1.54
CA PRO A 47 -19.48 -5.86 0.22
C PRO A 47 -19.01 -6.95 -0.73
N PHE A 48 -17.74 -7.32 -0.67
CA PHE A 48 -17.20 -8.25 -1.67
C PHE A 48 -16.68 -9.55 -1.07
N GLY A 49 -16.90 -9.81 0.21
CA GLY A 49 -16.30 -11.00 0.82
C GLY A 49 -14.79 -10.88 0.97
N GLN A 50 -14.33 -9.64 1.13
CA GLN A 50 -12.91 -9.29 1.20
C GLN A 50 -12.73 -8.15 2.22
N MET A 51 -11.52 -7.99 2.72
CA MET A 51 -11.10 -6.75 3.38
C MET A 51 -10.00 -6.10 2.51
N PRO A 52 -9.75 -4.80 2.67
CA PRO A 52 -10.23 -3.86 3.70
C PRO A 52 -11.66 -3.45 3.49
N VAL A 53 -12.32 -2.96 4.55
CA VAL A 53 -13.58 -2.30 4.38
C VAL A 53 -13.45 -1.11 5.33
N LEU A 54 -13.72 0.08 4.81
CA LEU A 54 -13.76 1.29 5.66
C LEU A 54 -15.23 1.66 5.79
N GLU A 55 -15.67 1.89 7.03
CA GLU A 55 -17.07 2.19 7.27
C GLU A 55 -17.12 3.58 7.93
N ILE A 56 -17.94 4.46 7.36
CA ILE A 56 -18.06 5.82 7.83
C ILE A 56 -19.55 6.13 8.01
N ASP A 57 -19.97 6.39 9.25
CA ASP A 57 -21.39 6.61 9.55
C ASP A 57 -22.21 5.48 8.90
N GLY A 58 -21.70 4.26 9.02
CA GLY A 58 -22.45 3.11 8.54
C GLY A 58 -22.41 2.82 7.04
N LYS A 59 -21.75 3.68 6.24
CA LYS A 59 -21.63 3.37 4.81
C LYS A 59 -20.31 2.60 4.63
N GLN A 60 -20.35 1.56 3.79
CA GLN A 60 -19.19 0.72 3.62
C GLN A 60 -18.48 1.13 2.36
N TYR A 61 -17.15 1.20 2.44
CA TYR A 61 -16.30 1.43 1.29
C TYR A 61 -15.37 0.24 1.23
N ALA A 62 -15.33 -0.45 0.10
CA ALA A 62 -14.40 -1.56 -0.06
C ALA A 62 -13.39 -1.34 -1.15
N GLN A 63 -12.37 -2.21 -1.19
CA GLN A 63 -11.30 -2.23 -2.22
C GLN A 63 -10.23 -1.19 -1.94
N SER A 64 -9.04 -1.69 -1.63
CA SER A 64 -7.98 -0.88 -1.05
C SER A 64 -7.61 0.31 -1.91
N THR A 65 -7.40 0.13 -3.22
CA THR A 65 -6.93 1.32 -3.99
C THR A 65 -8.03 2.37 -4.10
N ALA A 66 -9.26 1.88 -4.28
CA ALA A 66 -10.42 2.77 -4.37
C ALA A 66 -10.60 3.57 -3.04
N ILE A 67 -10.34 2.92 -1.90
CA ILE A 67 -10.51 3.59 -0.60
C ILE A 67 -9.40 4.64 -0.47
N CYS A 68 -8.17 4.28 -0.80
CA CYS A 68 -7.08 5.22 -0.76
C CYS A 68 -7.31 6.46 -1.65
N ARG A 69 -7.76 6.29 -2.89
CA ARG A 69 -7.98 7.42 -3.77
C ARG A 69 -9.05 8.34 -3.15
N TYR A 70 -10.05 7.71 -2.57
CA TYR A 70 -11.14 8.50 -1.94
C TYR A 70 -10.66 9.33 -0.73
N LEU A 71 -9.97 8.68 0.21
CA LEU A 71 -9.36 9.40 1.32
C LEU A 71 -8.38 10.50 0.82
N GLY A 72 -7.68 10.19 -0.26
CA GLY A 72 -6.75 11.14 -0.85
C GLY A 72 -7.48 12.37 -1.38
N ARG A 73 -8.55 12.12 -2.11
CA ARG A 73 -9.40 13.19 -2.63
C ARG A 73 -9.92 14.03 -1.44
N LYS A 74 -10.33 13.39 -0.37
CA LYS A 74 -10.95 14.10 0.76
C LYS A 74 -9.91 14.94 1.53
N TYR A 75 -8.66 14.50 1.48
CA TYR A 75 -7.61 15.10 2.29
C TYR A 75 -6.67 15.98 1.44
N GLY A 76 -7.03 16.27 0.19
CA GLY A 76 -6.29 17.17 -0.66
C GLY A 76 -5.02 16.60 -1.24
N LEU A 77 -5.00 15.28 -1.38
CA LEU A 77 -3.77 14.60 -1.78
C LEU A 77 -3.90 13.96 -3.16
N ALA A 78 -4.83 14.43 -3.97
CA ALA A 78 -5.07 13.80 -5.27
C ALA A 78 -4.86 14.77 -6.42
N GLY A 79 -3.98 15.75 -6.22
CA GLY A 79 -3.67 16.71 -7.25
C GLY A 79 -4.72 17.80 -7.31
N ALA A 80 -4.52 18.74 -8.21
CA ALA A 80 -5.42 19.92 -8.26
C ALA A 80 -6.25 20.00 -9.54
N ASN A 81 -6.11 19.01 -10.42
CA ASN A 81 -6.96 18.92 -11.58
C ASN A 81 -6.94 17.49 -12.09
N ASP A 82 -7.73 17.20 -13.13
CA ASP A 82 -7.83 15.83 -13.66
C ASP A 82 -6.49 15.24 -14.11
N GLU A 83 -5.63 16.07 -14.67
CA GLU A 83 -4.35 15.63 -15.25
C GLU A 83 -3.33 15.24 -14.18
N GLU A 84 -3.32 15.98 -13.08
CA GLU A 84 -2.52 15.60 -11.91
C GLU A 84 -3.08 14.34 -11.17
N ALA A 85 -4.38 14.33 -10.90
CA ALA A 85 -5.01 13.15 -10.33
C ALA A 85 -4.70 11.88 -11.19
N PHE A 86 -4.75 12.05 -12.51
CA PHE A 86 -4.46 10.98 -13.41
C PHE A 86 -3.04 10.44 -13.15
N GLU A 87 -2.07 11.34 -12.96
CA GLU A 87 -0.71 10.89 -12.83
C GLU A 87 -0.54 10.01 -11.62
N ILE A 88 -1.19 10.40 -10.53
CA ILE A 88 -1.14 9.59 -9.35
C ILE A 88 -1.76 8.22 -9.66
N ASP A 89 -2.94 8.20 -10.27
CA ASP A 89 -3.59 6.91 -10.64
C ASP A 89 -2.65 6.03 -11.48
N GLN A 90 -2.14 6.64 -12.52
CA GLN A 90 -1.22 5.94 -13.42
C GLN A 90 -0.03 5.33 -12.65
N ASN A 91 0.68 6.13 -11.82
CA ASN A 91 1.88 5.55 -11.17
C ASN A 91 1.50 4.49 -10.14
N VAL A 92 0.34 4.66 -9.50
CA VAL A 92 -0.08 3.68 -8.54
C VAL A 92 -0.46 2.41 -9.28
N GLU A 93 -1.01 2.55 -10.48
CA GLU A 93 -1.38 1.34 -11.27
C GLU A 93 -0.12 0.57 -11.67
N PHE A 94 0.92 1.30 -11.96
CA PHE A 94 2.23 0.64 -12.19
C PHE A 94 2.75 -0.11 -10.93
N LEU A 95 2.66 0.50 -9.76
CA LEU A 95 3.05 -0.23 -8.49
C LEU A 95 2.26 -1.51 -8.33
N ASN A 96 1.02 -1.43 -8.73
CA ASN A 96 0.13 -2.60 -8.70
C ASN A 96 0.68 -3.72 -9.56
N ASP A 97 1.24 -3.39 -10.71
CA ASP A 97 1.88 -4.43 -11.55
C ASP A 97 3.04 -5.11 -10.81
N ILE A 98 3.83 -4.31 -10.11
CA ILE A 98 4.93 -4.89 -9.31
C ILE A 98 4.37 -5.83 -8.27
N ARG A 99 3.39 -5.39 -7.51
CA ARG A 99 2.79 -6.24 -6.45
C ARG A 99 2.21 -7.50 -7.05
N ALA A 100 1.47 -7.39 -8.16
CA ALA A 100 0.86 -8.59 -8.77
C ALA A 100 1.94 -9.55 -9.20
N SER A 101 3.04 -9.05 -9.75
CA SER A 101 4.18 -9.92 -10.16
C SER A 101 4.82 -10.64 -8.98
N ALA A 102 5.09 -9.90 -7.91
CA ALA A 102 5.70 -10.57 -6.72
C ALA A 102 4.68 -11.60 -6.19
N ALA A 103 3.40 -11.21 -6.17
CA ALA A 103 2.37 -12.07 -5.53
C ALA A 103 2.22 -13.39 -6.36
N SER A 104 2.43 -13.35 -7.68
CA SER A 104 2.35 -14.61 -8.47
C SER A 104 3.40 -15.59 -7.99
N VAL A 105 4.44 -15.08 -7.35
CA VAL A 105 5.51 -15.98 -6.85
C VAL A 105 5.22 -16.31 -5.42
N HIS A 106 4.95 -15.31 -4.60
CA HIS A 106 4.74 -15.58 -3.19
C HIS A 106 3.59 -16.56 -2.86
N TYR A 107 2.49 -16.52 -3.60
CA TYR A 107 1.36 -17.37 -3.23
C TYR A 107 1.37 -18.68 -3.99
N GLU A 108 2.54 -19.09 -4.48
CA GLU A 108 2.65 -20.36 -5.17
C GLU A 108 2.99 -21.41 -4.11
N LYS A 109 2.08 -22.36 -3.88
CA LYS A 109 2.23 -23.31 -2.75
C LYS A 109 3.25 -24.43 -3.02
N ASP A 110 3.54 -24.65 -4.29
CA ASP A 110 4.45 -25.72 -4.71
C ASP A 110 5.87 -25.16 -4.80
N GLU A 111 6.73 -25.60 -3.89
CA GLU A 111 8.07 -25.02 -3.78
C GLU A 111 8.87 -25.03 -5.08
N ALA A 112 8.88 -26.15 -5.80
CA ALA A 112 9.66 -26.25 -7.04
C ALA A 112 9.15 -25.33 -8.14
N VAL A 113 7.84 -25.12 -8.19
CA VAL A 113 7.28 -24.26 -9.22
C VAL A 113 7.56 -22.80 -8.84
N LYS A 114 7.53 -22.51 -7.55
CA LYS A 114 7.78 -21.17 -7.05
C LYS A 114 9.21 -20.77 -7.41
N ALA A 115 10.13 -21.73 -7.25
CA ALA A 115 11.53 -21.48 -7.62
C ALA A 115 11.68 -21.16 -9.11
N LYS A 116 10.99 -21.87 -9.99
CA LYS A 116 11.19 -21.60 -11.41
C LYS A 116 10.58 -20.24 -11.76
N LYS A 117 9.42 -19.95 -11.21
CA LYS A 117 8.79 -18.62 -11.43
C LYS A 117 9.68 -17.47 -10.94
N LYS A 118 10.26 -17.64 -9.76
CA LYS A 118 11.14 -16.61 -9.20
C LYS A 118 12.33 -16.39 -10.14
N ALA A 119 12.98 -17.46 -10.58
CA ALA A 119 14.11 -17.29 -11.50
C ALA A 119 13.67 -16.57 -12.78
N GLU A 120 12.54 -16.98 -13.35
CA GLU A 120 12.04 -16.36 -14.57
C GLU A 120 11.89 -14.85 -14.34
N LEU A 121 11.20 -14.48 -13.28
CA LEU A 121 10.93 -13.05 -13.04
C LEU A 121 12.19 -12.25 -12.78
N GLU A 122 13.18 -12.89 -12.17
CA GLU A 122 14.44 -12.24 -11.86
C GLU A 122 15.16 -11.84 -13.15
N GLU A 123 14.86 -12.54 -14.25
CA GLU A 123 15.59 -12.31 -15.50
C GLU A 123 14.73 -11.53 -16.49
N THR A 124 13.43 -11.45 -16.25
CA THR A 124 12.50 -10.96 -17.28
C THR A 124 11.52 -9.84 -16.89
N LYS A 125 11.30 -9.60 -15.62
CA LYS A 125 10.37 -8.51 -15.21
C LYS A 125 10.93 -7.69 -14.08
N TYR A 126 11.45 -8.35 -13.05
CA TYR A 126 12.00 -7.61 -11.90
C TYR A 126 13.07 -6.53 -12.25
N PRO A 127 14.07 -6.86 -13.08
CA PRO A 127 15.07 -5.83 -13.31
C PRO A 127 14.40 -4.64 -13.94
N PHE A 128 13.44 -4.90 -14.82
CA PHE A 128 12.82 -3.76 -15.48
C PHE A 128 11.92 -3.02 -14.52
N PHE A 129 11.13 -3.72 -13.71
CA PHE A 129 10.31 -3.02 -12.70
C PHE A 129 11.15 -2.19 -11.80
N PHE A 130 12.25 -2.76 -11.30
CA PHE A 130 13.01 -1.99 -10.34
C PHE A 130 13.64 -0.75 -10.98
N GLU A 131 14.21 -0.88 -12.18
CA GLU A 131 14.80 0.34 -12.81
C GLU A 131 13.69 1.37 -13.02
N LYS A 132 12.50 0.90 -13.42
CA LYS A 132 11.42 1.86 -13.75
C LYS A 132 10.96 2.55 -12.46
N LEU A 133 10.87 1.79 -11.38
CA LEU A 133 10.45 2.42 -10.13
C LEU A 133 11.54 3.41 -9.70
N ASN A 134 12.81 3.02 -9.83
CA ASN A 134 13.89 3.93 -9.47
C ASN A 134 13.84 5.24 -10.30
N GLU A 135 13.49 5.11 -11.56
CA GLU A 135 13.34 6.30 -12.42
C GLU A 135 12.23 7.22 -11.89
N ILE A 136 11.09 6.61 -11.59
CA ILE A 136 9.92 7.35 -11.13
C ILE A 136 10.22 8.07 -9.79
N LEU A 137 10.79 7.34 -8.83
CA LEU A 137 11.09 7.96 -7.53
C LEU A 137 12.11 9.10 -7.72
N THR A 138 13.09 8.90 -8.60
CA THR A 138 14.07 9.94 -8.85
C THR A 138 13.45 11.16 -9.53
N LYS A 139 12.71 10.90 -10.59
CA LYS A 139 12.04 11.99 -11.32
C LYS A 139 11.16 12.80 -10.37
N ASN A 140 10.59 12.10 -9.40
CA ASN A 140 9.60 12.70 -8.48
C ASN A 140 10.17 13.03 -7.11
N ASN A 141 11.51 13.03 -7.03
CA ASN A 141 12.20 13.61 -5.89
C ASN A 141 11.79 12.86 -4.67
N GLY A 142 11.72 11.53 -4.80
CA GLY A 142 11.45 10.70 -3.65
C GLY A 142 9.97 10.37 -3.46
N HIS A 143 9.13 10.78 -4.38
CA HIS A 143 7.70 10.53 -4.30
C HIS A 143 7.25 9.63 -5.43
N ILE A 144 6.09 9.02 -5.24
CA ILE A 144 5.48 8.21 -6.30
C ILE A 144 4.95 9.04 -7.48
N ALA A 145 4.46 10.26 -7.23
CA ALA A 145 3.89 11.09 -8.31
C ALA A 145 3.99 12.59 -8.02
N LEU A 146 3.89 13.37 -9.08
CA LEU A 146 3.76 14.82 -9.02
C LEU A 146 4.94 15.55 -8.33
N GLY A 147 6.02 14.84 -7.99
CA GLY A 147 7.16 15.47 -7.31
C GLY A 147 6.85 15.90 -5.89
N LYS A 148 5.77 15.40 -5.32
CA LYS A 148 5.38 15.79 -3.97
C LYS A 148 4.43 14.80 -3.29
N LEU A 149 4.07 15.08 -2.04
CA LEU A 149 3.29 14.11 -1.26
C LEU A 149 1.95 13.95 -1.93
N THR A 150 1.56 12.69 -2.15
CA THR A 150 0.25 12.35 -2.71
C THR A 150 -0.25 11.06 -2.03
N TRP A 151 -1.52 10.73 -2.24
CA TRP A 151 -2.02 9.46 -1.71
C TRP A 151 -1.24 8.28 -2.26
N GLY A 152 -0.62 8.44 -3.40
CA GLY A 152 0.19 7.35 -3.95
C GLY A 152 1.40 7.02 -3.02
N ASP A 153 1.88 7.99 -2.24
CA ASP A 153 2.99 7.72 -1.33
C ASP A 153 2.52 6.86 -0.18
N PHE A 154 1.27 7.05 0.24
CA PHE A 154 0.70 6.26 1.29
C PHE A 154 0.48 4.83 0.78
N VAL A 155 -0.04 4.71 -0.44
CA VAL A 155 -0.17 3.34 -1.02
C VAL A 155 1.15 2.60 -0.92
N TYR A 156 2.21 3.25 -1.37
CA TYR A 156 3.54 2.63 -1.44
C TYR A 156 4.06 2.35 -0.05
N ALA A 157 3.96 3.35 0.82
CA ALA A 157 4.50 3.18 2.16
C ALA A 157 3.80 2.02 2.88
N GLY A 158 2.48 1.89 2.68
CA GLY A 158 1.75 0.89 3.41
C GLY A 158 2.19 -0.49 2.99
N MET A 159 2.43 -0.66 1.70
CA MET A 159 2.65 -2.02 1.21
C MET A 159 4.11 -2.36 0.96
N TYR A 160 5.01 -1.43 1.19
CA TYR A 160 6.41 -1.67 0.88
C TYR A 160 7.00 -2.91 1.54
N ASP A 161 6.85 -3.10 2.85
CA ASP A 161 7.44 -4.32 3.46
C ASP A 161 6.84 -5.61 2.90
N TYR A 162 5.53 -5.59 2.65
CA TYR A 162 4.84 -6.73 2.04
C TYR A 162 5.41 -7.04 0.67
N LEU A 163 5.63 -6.00 -0.11
CA LEU A 163 6.26 -6.19 -1.45
C LEU A 163 7.63 -6.85 -1.28
N LYS A 164 8.42 -6.31 -0.36
CA LYS A 164 9.77 -6.86 -0.14
C LYS A 164 9.72 -8.30 0.31
N ALA A 165 8.83 -8.62 1.26
CA ALA A 165 8.65 -10.01 1.68
C ALA A 165 8.22 -10.93 0.51
N MET A 166 7.33 -10.49 -0.38
CA MET A 166 6.96 -11.37 -1.50
C MET A 166 8.11 -11.48 -2.53
N LEU A 167 8.85 -10.39 -2.71
CA LEU A 167 10.03 -10.40 -3.58
C LEU A 167 11.17 -11.25 -2.98
N GLN A 168 10.98 -11.65 -1.72
CA GLN A 168 12.06 -12.25 -0.93
C GLN A 168 13.32 -11.38 -1.01
N LYS A 169 13.12 -10.08 -0.86
CA LYS A 169 14.23 -9.16 -1.07
C LYS A 169 14.31 -8.14 0.06
N PRO A 170 14.81 -8.56 1.21
CA PRO A 170 14.83 -7.66 2.36
C PRO A 170 15.77 -6.48 2.15
N ASP A 171 16.82 -6.70 1.36
CA ASP A 171 17.84 -5.69 1.10
C ASP A 171 17.49 -4.79 -0.09
N LEU A 172 16.26 -4.83 -0.55
CA LEU A 172 15.94 -4.20 -1.84
C LEU A 172 16.48 -2.74 -1.92
N GLU A 173 16.17 -1.93 -0.90
CA GLU A 173 16.60 -0.52 -0.89
C GLU A 173 18.11 -0.31 -0.63
N GLN A 174 18.86 -1.37 -0.38
CA GLN A 174 20.31 -1.29 -0.47
C GLN A 174 20.87 -1.04 -1.87
N LYS A 175 20.29 -1.67 -2.89
CA LYS A 175 20.70 -1.38 -4.28
C LYS A 175 20.09 -0.08 -4.74
N TYR A 176 18.89 0.17 -4.21
CA TYR A 176 18.07 1.28 -4.65
C TYR A 176 17.66 2.12 -3.45
N PRO A 177 18.55 3.01 -3.00
CA PRO A 177 18.16 3.75 -1.78
C PRO A 177 16.97 4.70 -2.00
N ALA A 178 16.70 5.11 -3.22
CA ALA A 178 15.48 5.87 -3.50
C ALA A 178 14.21 5.21 -2.98
N PHE A 179 14.22 3.88 -2.90
CA PHE A 179 13.01 3.13 -2.57
C PHE A 179 12.50 3.45 -1.13
N ARG A 180 13.38 3.93 -0.27
CA ARG A 180 13.00 4.26 1.11
C ARG A 180 12.25 5.61 1.18
N LYS A 181 12.36 6.40 0.12
CA LYS A 181 12.00 7.82 0.27
C LYS A 181 10.50 8.17 0.48
N PRO A 182 9.61 7.57 -0.27
CA PRO A 182 8.18 7.81 -0.01
C PRO A 182 7.76 7.46 1.43
N ILE A 183 8.41 6.45 1.99
CA ILE A 183 8.18 6.11 3.41
C ILE A 183 8.66 7.22 4.32
N GLU A 184 9.84 7.76 4.05
CA GLU A 184 10.32 8.91 4.82
C GLU A 184 9.41 10.13 4.67
N ALA A 185 8.89 10.36 3.48
CA ALA A 185 8.02 11.51 3.27
C ALA A 185 6.74 11.40 4.13
N VAL A 186 6.15 10.23 4.14
CA VAL A 186 4.95 9.93 4.89
C VAL A 186 5.23 9.96 6.39
N LEU A 187 6.35 9.37 6.81
CA LEU A 187 6.68 9.38 8.25
C LEU A 187 7.18 10.73 8.77
N ALA A 188 7.37 11.67 7.85
CA ALA A 188 7.75 13.03 8.24
C ALA A 188 6.58 13.76 8.88
N ILE A 189 5.36 13.30 8.63
CA ILE A 189 4.16 14.04 9.03
C ILE A 189 3.88 13.74 10.48
N PRO A 190 3.89 14.77 11.33
CA PRO A 190 3.77 14.44 12.75
C PRO A 190 2.58 13.56 13.05
N LYS A 191 1.41 13.86 12.50
CA LYS A 191 0.22 13.06 12.81
C LYS A 191 0.46 11.57 12.41
N VAL A 192 1.22 11.36 11.36
CA VAL A 192 1.38 9.99 10.87
C VAL A 192 2.40 9.25 11.73
N LYS A 193 3.50 9.94 12.03
CA LYS A 193 4.58 9.36 12.79
C LYS A 193 4.04 8.97 14.15
N ALA A 194 3.18 9.82 14.71
CA ALA A 194 2.59 9.53 16.01
C ALA A 194 1.76 8.24 15.92
N TYR A 195 0.93 8.13 14.89
CA TYR A 195 0.13 6.92 14.74
C TYR A 195 1.06 5.71 14.61
N VAL A 196 2.08 5.82 13.77
CA VAL A 196 2.99 4.71 13.61
C VAL A 196 3.66 4.29 14.89
N ASP A 197 4.13 5.24 15.69
CA ASP A 197 4.80 4.90 16.93
C ASP A 197 3.76 4.24 17.76
N ALA A 198 2.54 4.69 17.58
CA ALA A 198 1.41 4.24 18.34
C ALA A 198 0.87 2.89 17.91
N ALA A 199 1.19 2.48 16.70
CA ALA A 199 0.57 1.29 16.10
C ALA A 199 1.39 0.00 16.28
N PRO A 200 0.72 -1.15 16.15
CA PRO A 200 1.44 -2.42 16.20
C PRO A 200 2.43 -2.53 15.02
N ARG A 201 3.48 -3.36 15.14
CA ARG A 201 4.43 -3.63 14.05
C ARG A 201 4.21 -5.01 13.48
N THR A 202 4.38 -5.20 12.18
CA THR A 202 4.34 -6.54 11.61
C THR A 202 5.35 -6.57 10.45
N GLU A 203 5.84 -7.73 10.05
CA GLU A 203 6.95 -7.78 9.12
C GLU A 203 6.42 -7.58 7.69
N LEU A 204 5.10 -7.58 7.53
CA LEU A 204 4.54 -7.24 6.21
C LEU A 204 3.19 -6.56 6.34
#